data_4MX5
#
_entry.id   4MX5
#
_cell.length_a   67.899
_cell.length_b   67.899
_cell.length_c   140.780
_cell.angle_alpha   90.000
_cell.angle_beta   90.000
_cell.angle_gamma   90.000
#
_symmetry.space_group_name_H-M   'P 41 21 2'
#
loop_
_entity.id
_entity.type
_entity.pdbx_description
1 polymer 'Ricin A chain'
2 non-polymer 'benzyl (2-{[(2-amino-4-oxo-3,4-dihydropteridin-7-yl)carbonyl]amino}ethyl)carbamate'
3 water water
#
_entity_poly.entity_id   1
_entity_poly.type   'polypeptide(L)'
_entity_poly.pdbx_seq_one_letter_code
;MIFPKQYPIINFTTAGATVQSYTNFIRAVRGRLTTGADVRHEIPVLPNRVGLPINQRFILVELSNHAELSVTLALDVTNA
YVVGYRAGNSAYFFHPDNQEDAEAITHLFTDVQNRYTFAFGGNYDRLEQLAGNLRENIELGNGPLEEAISALYYYSTGGT
QLPTLARSFIICIQMISEAARFQYIEGEMRTRIRYNRRSAPDPSVITLENSWGRLSTAIQESNQGAFASPIQLQRRNGSK
FSVYDVSILIPIIALMVYRCAPPPSSQF
;
_entity_poly.pdbx_strand_id   X
#
loop_
_chem_comp.id
_chem_comp.type
_chem_comp.name
_chem_comp.formula
5MX non-polymer 'benzyl (2-{[(2-amino-4-oxo-3,4-dihydropteridin-7-yl)carbonyl]amino}ethyl)carbamate' 'C17 H17 N7 O4'
#
# COMPACT_ATOMS: atom_id res chain seq x y z
N GLN A 6 2.69 -1.19 20.81
CA GLN A 6 2.13 0.20 20.95
C GLN A 6 1.34 0.70 19.70
N TYR A 7 1.92 0.46 18.52
CA TYR A 7 1.23 0.83 17.28
C TYR A 7 0.02 -0.03 17.07
N PRO A 8 -1.01 0.52 16.43
CA PRO A 8 -2.29 -0.15 16.20
C PRO A 8 -2.04 -1.41 15.26
N ILE A 9 -2.83 -2.46 15.46
CA ILE A 9 -2.66 -3.73 14.71
C ILE A 9 -3.99 -3.96 14.07
N ILE A 10 -4.03 -4.14 12.73
CA ILE A 10 -5.21 -4.63 12.05
C ILE A 10 -4.96 -6.08 11.56
N ASN A 11 -5.95 -6.94 11.77
CA ASN A 11 -5.83 -8.40 11.42
C ASN A 11 -6.57 -8.73 10.13
N PHE A 12 -5.99 -9.51 9.24
CA PHE A 12 -6.70 -10.10 8.11
C PHE A 12 -6.22 -11.53 7.89
N THR A 13 -7.17 -12.41 7.55
CA THR A 13 -6.75 -13.70 7.07
C THR A 13 -7.31 -13.99 5.65
N THR A 14 -6.51 -14.69 4.89
CA THR A 14 -6.93 -15.18 3.57
C THR A 14 -7.82 -16.43 3.71
N ALA A 15 -7.71 -17.11 4.86
CA ALA A 15 -8.49 -18.35 4.99
C ALA A 15 -10.02 -17.97 5.04
N GLY A 16 -10.78 -18.48 4.07
CA GLY A 16 -12.22 -18.22 3.93
C GLY A 16 -12.57 -16.76 3.69
N ALA A 17 -11.58 -16.00 3.19
CA ALA A 17 -11.84 -14.60 3.03
C ALA A 17 -13.02 -14.39 2.06
N THR A 18 -13.71 -13.30 2.34
CA THR A 18 -14.86 -12.92 1.48
C THR A 18 -14.78 -11.43 1.17
N VAL A 19 -15.64 -10.98 0.22
CA VAL A 19 -15.62 -9.52 -0.16
C VAL A 19 -15.84 -8.75 1.16
N GLN A 20 -16.77 -9.19 1.97
CA GLN A 20 -17.03 -8.48 3.27
C GLN A 20 -15.85 -8.47 4.21
N SER A 21 -15.19 -9.62 4.40
CA SER A 21 -14.07 -9.54 5.30
C SER A 21 -12.89 -8.68 4.83
N TYR A 22 -12.72 -8.71 3.48
CA TYR A 22 -11.63 -7.90 2.93
C TYR A 22 -12.00 -6.38 3.00
N THR A 23 -13.24 -6.07 2.75
CA THR A 23 -13.71 -4.67 2.80
C THR A 23 -13.53 -4.16 4.24
N ASN A 24 -13.88 -4.99 5.22
CA ASN A 24 -13.79 -4.58 6.60
C ASN A 24 -12.29 -4.29 6.90
N PHE A 25 -11.38 -5.18 6.46
CA PHE A 25 -9.95 -4.97 6.62
C PHE A 25 -9.49 -3.60 6.04
N ILE A 26 -9.77 -3.41 4.74
CA ILE A 26 -9.28 -2.21 4.06
C ILE A 26 -9.83 -0.94 4.70
N ARG A 27 -11.10 -0.93 5.10
CA ARG A 27 -11.68 0.20 5.85
C ARG A 27 -10.97 0.39 7.16
N ALA A 28 -10.65 -0.70 7.84
CA ALA A 28 -9.93 -0.53 9.07
C ALA A 28 -8.52 0.05 8.89
N VAL A 29 -7.81 -0.38 7.80
CA VAL A 29 -6.46 0.13 7.61
C VAL A 29 -6.61 1.62 7.28
N ARG A 30 -7.56 2.05 6.41
CA ARG A 30 -7.70 3.49 6.13
C ARG A 30 -8.00 4.31 7.39
N GLY A 31 -8.79 3.70 8.27
CA GLY A 31 -9.16 4.36 9.54
C GLY A 31 -7.95 4.60 10.44
N ARG A 32 -6.94 3.72 10.40
CA ARG A 32 -5.72 3.94 11.16
C ARG A 32 -4.67 4.72 10.45
N LEU A 33 -4.77 4.81 9.09
CA LEU A 33 -3.81 5.66 8.40
C LEU A 33 -4.14 7.15 8.50
N THR A 34 -5.40 7.49 8.45
CA THR A 34 -5.77 8.94 8.43
C THR A 34 -6.36 9.33 9.76
N THR A 35 -6.27 10.61 10.08
CA THR A 35 -6.78 11.10 11.38
C THR A 35 -8.08 11.90 11.31
N GLY A 36 -8.51 12.28 10.12
CA GLY A 36 -9.66 13.19 9.97
C GLY A 36 -9.32 14.65 9.97
N ALA A 37 -8.06 14.98 10.24
CA ALA A 37 -7.56 16.33 10.28
C ALA A 37 -7.56 17.00 8.93
N ASP A 38 -7.45 16.21 7.86
CA ASP A 38 -7.03 16.80 6.60
C ASP A 38 -7.84 16.14 5.50
N VAL A 39 -8.80 16.85 4.91
CA VAL A 39 -9.69 16.27 3.88
C VAL A 39 -9.86 17.33 2.85
N ARG A 40 -9.50 17.04 1.62
CA ARG A 40 -9.61 18.06 0.58
C ARG A 40 -10.43 17.50 -0.58
N HIS A 41 -11.51 18.20 -1.01
CA HIS A 41 -12.39 17.67 -2.00
C HIS A 41 -12.99 16.33 -1.68
N GLU A 42 -13.25 16.13 -0.39
CA GLU A 42 -13.82 14.96 0.11
C GLU A 42 -12.79 13.83 0.15
N ILE A 43 -11.53 14.20 -0.09
CA ILE A 43 -10.51 13.13 -0.15
C ILE A 43 -9.48 13.31 0.98
N PRO A 44 -9.44 12.32 1.90
CA PRO A 44 -8.54 12.36 3.04
C PRO A 44 -7.07 12.41 2.62
N VAL A 45 -6.28 13.12 3.36
CA VAL A 45 -4.85 13.25 3.19
C VAL A 45 -4.18 12.56 4.37
N LEU A 46 -3.14 11.77 4.10
CA LEU A 46 -2.30 11.12 5.14
C LEU A 46 -1.53 12.19 5.92
N PRO A 47 -1.15 11.84 7.19
CA PRO A 47 -0.40 12.78 7.96
C PRO A 47 0.86 13.28 7.33
N ASN A 48 1.09 14.57 7.53
CA ASN A 48 2.37 15.18 7.17
C ASN A 48 3.55 14.62 7.97
N ARG A 49 4.57 14.09 7.28
CA ARG A 49 5.85 13.59 7.89
C ARG A 49 6.52 14.65 8.84
N VAL A 50 6.33 15.94 8.50
CA VAL A 50 7.00 17.07 9.21
C VAL A 50 6.36 17.24 10.62
N GLY A 51 7.16 17.05 11.65
CA GLY A 51 6.67 17.08 13.06
C GLY A 51 5.84 15.90 13.57
N LEU A 52 5.68 14.81 12.76
CA LEU A 52 4.86 13.72 13.21
C LEU A 52 5.55 12.89 14.28
N PRO A 53 4.99 12.83 15.48
CA PRO A 53 5.73 12.11 16.51
C PRO A 53 5.91 10.61 16.19
N ILE A 54 7.07 10.09 16.62
CA ILE A 54 7.40 8.63 16.35
C ILE A 54 6.28 7.66 16.85
N ASN A 55 5.57 7.97 17.95
CA ASN A 55 4.51 7.08 18.42
C ASN A 55 3.27 6.97 17.57
N GLN A 56 3.22 7.81 16.51
CA GLN A 56 2.05 7.87 15.66
C GLN A 56 2.48 7.50 14.26
N ARG A 57 3.71 6.99 14.10
CA ARG A 57 4.30 6.93 12.70
C ARG A 57 3.94 5.67 11.90
N PHE A 58 3.67 4.57 12.59
CA PHE A 58 3.36 3.28 12.00
C PHE A 58 2.07 2.64 12.39
N ILE A 59 1.62 1.73 11.51
CA ILE A 59 0.56 0.77 11.78
C ILE A 59 1.05 -0.63 11.48
N LEU A 60 0.37 -1.62 12.06
CA LEU A 60 0.85 -3.03 11.87
C LEU A 60 -0.29 -3.82 11.26
N VAL A 61 0.03 -4.63 10.23
CA VAL A 61 -1.02 -5.44 9.62
C VAL A 61 -0.62 -6.88 9.81
N GLU A 62 -1.41 -7.58 10.63
CA GLU A 62 -1.11 -9.04 10.90
C GLU A 62 -1.87 -9.91 9.91
N LEU A 63 -1.15 -10.60 9.02
CA LEU A 63 -1.74 -11.45 8.05
C LEU A 63 -1.60 -12.89 8.47
N SER A 64 -2.68 -13.61 8.36
CA SER A 64 -2.67 -15.02 8.59
C SER A 64 -3.28 -15.71 7.41
N ASN A 65 -3.00 -17.00 7.25
CA ASN A 65 -3.49 -17.79 6.11
C ASN A 65 -4.08 -19.16 6.47
N HIS A 66 -4.60 -19.86 5.46
CA HIS A 66 -5.19 -21.19 5.71
C HIS A 66 -4.10 -22.18 6.17
N ALA A 67 -2.84 -21.94 5.82
CA ALA A 67 -1.73 -22.80 6.28
C ALA A 67 -1.43 -22.64 7.76
N GLU A 68 -2.15 -21.73 8.44
CA GLU A 68 -1.94 -21.38 9.88
C GLU A 68 -0.62 -20.65 10.11
N LEU A 69 -0.19 -19.84 9.17
CA LEU A 69 1.05 -19.07 9.34
C LEU A 69 0.64 -17.63 9.48
N SER A 70 1.53 -16.85 10.09
CA SER A 70 1.28 -15.39 10.32
C SER A 70 2.57 -14.63 10.04
N VAL A 71 2.35 -13.44 9.48
CA VAL A 71 3.39 -12.43 9.34
C VAL A 71 2.78 -11.07 9.69
N THR A 72 3.64 -10.13 10.09
CA THR A 72 3.16 -8.79 10.44
C THR A 72 3.86 -7.77 9.65
N LEU A 73 3.13 -7.06 8.75
CA LEU A 73 3.72 -5.98 7.99
C LEU A 73 3.61 -4.65 8.75
N ALA A 74 4.66 -3.85 8.63
CA ALA A 74 4.66 -2.48 9.16
C ALA A 74 4.45 -1.50 8.02
N LEU A 75 3.41 -0.64 8.17
CA LEU A 75 3.14 0.43 7.15
C LEU A 75 3.48 1.82 7.77
N ASP A 76 4.06 2.64 6.98
CA ASP A 76 4.37 4.04 7.33
C ASP A 76 3.08 4.86 7.10
N VAL A 77 2.57 5.52 8.13
CA VAL A 77 1.31 6.27 7.91
C VAL A 77 1.41 7.44 6.93
N THR A 78 2.63 7.96 6.70
CA THR A 78 2.74 9.10 5.82
C THR A 78 2.52 8.78 4.39
N ASN A 79 2.66 7.49 4.03
CA ASN A 79 2.60 7.15 2.55
C ASN A 79 1.90 5.80 2.34
N ALA A 80 1.56 5.12 3.41
CA ALA A 80 0.96 3.76 3.36
C ALA A 80 1.98 2.70 2.85
N TYR A 81 3.27 3.04 2.87
CA TYR A 81 4.32 2.11 2.36
C TYR A 81 4.57 1.02 3.31
N VAL A 82 4.72 -0.24 2.79
CA VAL A 82 5.19 -1.35 3.63
C VAL A 82 6.70 -1.13 3.82
N VAL A 83 7.13 -0.99 5.06
CA VAL A 83 8.57 -0.63 5.27
C VAL A 83 9.31 -1.87 5.76
N GLY A 84 8.59 -2.93 6.11
CA GLY A 84 9.28 -4.20 6.60
C GLY A 84 8.25 -5.15 7.13
N TYR A 85 8.74 -6.26 7.69
CA TYR A 85 7.80 -7.23 8.22
C TYR A 85 8.44 -8.12 9.29
N ARG A 86 7.62 -8.68 10.14
CA ARG A 86 8.10 -9.71 11.13
C ARG A 86 7.54 -11.05 10.82
N ALA A 87 8.39 -12.09 10.87
CA ALA A 87 7.87 -13.49 10.86
C ALA A 87 8.53 -14.17 12.11
N GLY A 88 7.72 -14.36 13.17
CA GLY A 88 8.19 -15.02 14.45
C GLY A 88 9.40 -14.26 14.96
N ASN A 89 10.59 -14.92 14.98
CA ASN A 89 11.83 -14.32 15.54
C ASN A 89 12.72 -13.48 14.69
N SER A 90 12.33 -13.14 13.44
CA SER A 90 13.15 -12.39 12.55
C SER A 90 12.28 -11.23 12.03
N ALA A 91 12.93 -10.10 11.84
CA ALA A 91 12.27 -9.00 11.09
C ALA A 91 13.15 -8.51 9.97
N TYR A 92 12.55 -7.96 8.91
CA TYR A 92 13.20 -7.60 7.74
C TYR A 92 12.73 -6.23 7.26
N PHE A 93 13.61 -5.31 7.08
CA PHE A 93 13.20 -3.94 6.63
C PHE A 93 13.78 -3.63 5.33
N PHE A 94 13.13 -2.88 4.43
CA PHE A 94 13.69 -2.41 3.21
C PHE A 94 14.75 -1.33 3.52
N HIS A 95 15.74 -1.23 2.63
CA HIS A 95 16.78 -0.22 2.88
C HIS A 95 16.14 1.17 2.99
N PRO A 96 16.42 1.85 4.13
CA PRO A 96 15.77 3.18 4.25
C PRO A 96 16.29 4.21 3.29
N ASP A 97 15.42 5.13 2.92
CA ASP A 97 15.68 6.25 2.01
C ASP A 97 16.56 7.37 2.60
N ASN A 98 16.55 7.53 3.91
CA ASN A 98 17.29 8.60 4.58
C ASN A 98 17.54 8.24 6.05
N GLN A 99 18.41 9.03 6.69
CA GLN A 99 18.67 8.87 8.10
C GLN A 99 17.46 8.79 9.03
N GLU A 100 16.50 9.71 8.85
CA GLU A 100 15.38 9.72 9.80
C GLU A 100 14.49 8.48 9.66
N ASP A 101 14.30 8.03 8.41
CA ASP A 101 13.59 6.74 8.27
C ASP A 101 14.31 5.55 8.93
N ALA A 102 15.64 5.52 8.80
CA ALA A 102 16.42 4.49 9.47
C ALA A 102 16.26 4.48 11.01
N GLU A 103 16.22 5.70 11.62
CA GLU A 103 15.96 5.82 13.06
C GLU A 103 14.53 5.34 13.35
N ALA A 104 13.56 5.78 12.51
CA ALA A 104 12.19 5.46 12.80
C ALA A 104 11.95 3.94 12.83
N ILE A 105 12.60 3.19 11.90
CA ILE A 105 12.32 1.77 11.86
C ILE A 105 12.97 1.03 13.04
N THR A 106 13.95 1.69 13.70
CA THR A 106 14.33 1.09 14.98
C THR A 106 13.25 0.99 16.05
N HIS A 107 12.11 1.69 15.87
CA HIS A 107 10.99 1.64 16.79
C HIS A 107 9.95 0.52 16.50
N LEU A 108 10.25 -0.28 15.47
CA LEU A 108 9.39 -1.40 15.07
C LEU A 108 9.97 -2.74 15.53
N PHE A 109 9.07 -3.64 15.97
CA PHE A 109 9.47 -5.05 16.20
C PHE A 109 10.68 -5.04 17.16
N THR A 110 10.55 -4.29 18.25
CA THR A 110 11.74 -3.98 19.08
C THR A 110 12.23 -5.20 19.85
N ASP A 111 11.37 -6.19 20.11
CA ASP A 111 11.87 -7.36 20.87
C ASP A 111 12.19 -8.62 20.05
N VAL A 112 12.11 -8.45 18.72
CA VAL A 112 12.53 -9.44 17.76
C VAL A 112 14.02 -9.79 17.95
N GLN A 113 14.35 -11.08 17.97
CA GLN A 113 15.78 -11.37 18.25
C GLN A 113 16.74 -11.25 17.07
N ASN A 114 16.22 -11.31 15.84
CA ASN A 114 17.01 -11.17 14.65
C ASN A 114 16.46 -10.08 13.75
N ARG A 115 17.20 -8.98 13.60
CA ARG A 115 16.80 -7.81 12.77
C ARG A 115 17.67 -7.67 11.53
N TYR A 116 17.11 -7.60 10.35
CA TYR A 116 17.89 -7.42 9.16
C TYR A 116 17.32 -6.28 8.41
N THR A 117 18.19 -5.45 7.89
CA THR A 117 17.88 -4.48 6.88
C THR A 117 18.33 -4.97 5.53
N PHE A 118 17.41 -5.22 4.64
CA PHE A 118 17.83 -5.50 3.23
C PHE A 118 18.73 -4.46 2.66
N ALA A 119 19.66 -4.83 1.77
CA ALA A 119 20.48 -3.84 1.12
C ALA A 119 19.80 -3.12 -0.02
N PHE A 120 18.56 -3.54 -0.42
CA PHE A 120 17.79 -2.95 -1.53
C PHE A 120 16.56 -2.24 -0.92
N GLY A 121 16.07 -1.27 -1.65
CA GLY A 121 14.86 -0.52 -1.19
C GLY A 121 13.69 -1.36 -1.67
N GLY A 122 12.53 -0.87 -1.34
CA GLY A 122 11.26 -1.61 -1.49
C GLY A 122 10.36 -0.99 -2.55
N ASN A 123 10.82 -0.16 -3.44
CA ASN A 123 10.02 0.35 -4.54
C ASN A 123 9.71 -0.71 -5.58
N TYR A 124 8.59 -0.57 -6.33
CA TYR A 124 8.23 -1.59 -7.33
C TYR A 124 9.39 -1.84 -8.29
N ASP A 125 10.15 -0.82 -8.73
CA ASP A 125 11.08 -1.10 -9.83
C ASP A 125 12.11 -2.08 -9.28
N ARG A 126 12.63 -1.83 -8.10
CA ARG A 126 13.64 -2.69 -7.50
C ARG A 126 13.04 -4.10 -7.29
N LEU A 127 11.81 -4.13 -6.81
CA LEU A 127 11.23 -5.45 -6.46
C LEU A 127 10.92 -6.24 -7.72
N GLU A 128 10.52 -5.60 -8.80
CA GLU A 128 10.28 -6.26 -10.07
C GLU A 128 11.60 -6.84 -10.60
N GLN A 129 12.67 -6.05 -10.51
CA GLN A 129 13.95 -6.60 -10.94
C GLN A 129 14.26 -7.82 -10.14
N LEU A 130 14.17 -7.78 -8.80
CA LEU A 130 14.45 -8.99 -8.04
C LEU A 130 13.54 -10.15 -8.36
N ALA A 131 12.28 -9.85 -8.60
CA ALA A 131 11.33 -10.93 -8.88
C ALA A 131 11.49 -11.58 -10.24
N GLY A 132 12.15 -10.88 -11.13
CA GLY A 132 12.21 -11.24 -12.57
C GLY A 132 10.87 -11.19 -13.27
N ASN A 133 9.92 -10.39 -12.73
CA ASN A 133 8.67 -10.22 -13.40
C ASN A 133 8.14 -8.82 -13.03
N LEU A 134 7.47 -8.21 -13.98
CA LEU A 134 6.78 -6.87 -13.77
C LEU A 134 5.40 -7.15 -13.11
N ARG A 135 4.89 -6.11 -12.45
CA ARG A 135 3.51 -6.13 -11.90
C ARG A 135 2.52 -6.71 -12.85
N GLU A 136 2.57 -6.33 -14.13
CA GLU A 136 1.58 -6.78 -15.07
C GLU A 136 1.56 -8.27 -15.39
N ASN A 137 2.62 -8.94 -14.98
CA ASN A 137 2.70 -10.40 -15.09
C ASN A 137 2.63 -11.15 -13.79
N ILE A 138 2.21 -10.51 -12.67
CA ILE A 138 2.09 -11.14 -11.33
C ILE A 138 0.63 -11.18 -10.88
N GLU A 139 0.08 -12.39 -10.82
CA GLU A 139 -1.32 -12.48 -10.53
C GLU A 139 -1.55 -12.06 -9.05
N LEU A 140 -2.70 -11.40 -8.89
CA LEU A 140 -3.24 -10.99 -7.54
C LEU A 140 -4.56 -11.68 -7.25
N GLY A 141 -4.90 -11.64 -5.95
CA GLY A 141 -6.17 -12.22 -5.52
C GLY A 141 -5.89 -12.95 -4.15
N ASN A 142 -6.80 -13.78 -3.73
CA ASN A 142 -6.70 -14.38 -2.41
C ASN A 142 -5.71 -15.52 -2.47
N GLY A 143 -5.64 -16.29 -3.58
CA GLY A 143 -4.68 -17.38 -3.69
C GLY A 143 -3.27 -16.84 -3.61
N PRO A 144 -2.97 -15.83 -4.45
CA PRO A 144 -1.61 -15.17 -4.43
C PRO A 144 -1.32 -14.67 -3.00
N LEU A 145 -2.24 -13.98 -2.31
CA LEU A 145 -1.95 -13.52 -0.93
C LEU A 145 -1.66 -14.62 0.03
N GLU A 146 -2.52 -15.65 -0.04
CA GLU A 146 -2.21 -16.88 0.81
C GLU A 146 -0.82 -17.40 0.62
N GLU A 147 -0.40 -17.56 -0.64
CA GLU A 147 0.95 -18.06 -1.00
C GLU A 147 1.99 -17.07 -0.56
N ALA A 148 1.69 -15.77 -0.72
CA ALA A 148 2.74 -14.71 -0.34
C ALA A 148 2.95 -14.77 1.19
N ILE A 149 1.95 -15.01 2.02
CA ILE A 149 2.09 -15.02 3.47
C ILE A 149 3.00 -16.19 3.84
N SER A 150 2.74 -17.37 3.26
CA SER A 150 3.70 -18.51 3.48
C SER A 150 5.13 -18.17 3.04
N ALA A 151 5.30 -17.55 1.87
CA ALA A 151 6.66 -17.26 1.37
C ALA A 151 7.34 -16.34 2.34
N LEU A 152 6.66 -15.28 2.77
CA LEU A 152 7.35 -14.36 3.69
C LEU A 152 7.70 -15.09 5.00
N TYR A 153 6.83 -15.98 5.43
CA TYR A 153 6.99 -16.67 6.72
C TYR A 153 8.28 -17.57 6.63
N TYR A 154 8.47 -18.24 5.49
CA TYR A 154 9.61 -19.22 5.35
C TYR A 154 10.92 -18.61 4.88
N TYR A 155 11.02 -17.27 4.77
CA TYR A 155 12.24 -16.67 4.30
C TYR A 155 13.54 -16.91 5.13
N SER A 156 13.38 -16.82 6.41
CA SER A 156 14.55 -16.88 7.30
C SER A 156 15.18 -18.24 7.27
N THR A 157 14.41 -19.27 6.90
CA THR A 157 14.93 -20.63 6.93
C THR A 157 15.43 -21.11 5.61
N GLY A 158 15.49 -20.28 4.58
CA GLY A 158 16.03 -20.66 3.29
C GLY A 158 15.07 -21.28 2.33
N GLY A 159 13.79 -21.40 2.77
CA GLY A 159 12.72 -22.00 1.97
C GLY A 159 12.28 -21.17 0.82
N THR A 160 12.44 -19.85 1.01
CA THR A 160 11.93 -18.90 0.04
C THR A 160 13.03 -18.27 -0.83
N GLN A 161 13.05 -18.46 -2.14
CA GLN A 161 14.09 -17.86 -2.98
C GLN A 161 13.90 -16.32 -3.02
N LEU A 162 14.96 -15.51 -3.09
CA LEU A 162 14.77 -14.06 -3.22
C LEU A 162 13.69 -13.66 -4.29
N PRO A 163 13.69 -14.22 -5.52
CA PRO A 163 12.74 -13.80 -6.49
C PRO A 163 11.32 -14.03 -5.92
N THR A 164 11.12 -15.11 -5.16
CA THR A 164 9.73 -15.39 -4.72
C THR A 164 9.40 -14.46 -3.53
N LEU A 165 10.37 -14.14 -2.70
CA LEU A 165 10.14 -13.11 -1.67
C LEU A 165 9.77 -11.76 -2.34
N ALA A 166 10.49 -11.30 -3.38
CA ALA A 166 10.16 -9.99 -4.09
C ALA A 166 8.77 -10.01 -4.67
N ARG A 167 8.39 -11.15 -5.26
CA ARG A 167 7.06 -11.30 -5.87
C ARG A 167 6.04 -11.23 -4.77
N SER A 168 6.30 -11.84 -3.62
CA SER A 168 5.36 -11.89 -2.50
C SER A 168 5.16 -10.44 -1.96
N PHE A 169 6.24 -9.65 -1.93
CA PHE A 169 6.05 -8.26 -1.47
C PHE A 169 5.17 -7.53 -2.44
N ILE A 170 5.41 -7.70 -3.73
CA ILE A 170 4.62 -7.05 -4.78
C ILE A 170 3.10 -7.38 -4.59
N ILE A 171 2.81 -8.62 -4.28
CA ILE A 171 1.40 -9.00 -4.05
C ILE A 171 0.87 -8.29 -2.80
N CYS A 172 1.60 -8.35 -1.71
CA CYS A 172 1.11 -7.71 -0.48
C CYS A 172 0.89 -6.19 -0.63
N ILE A 173 1.91 -5.55 -1.21
CA ILE A 173 1.79 -4.10 -1.34
C ILE A 173 0.53 -3.75 -2.08
N GLN A 174 0.25 -4.39 -3.23
CA GLN A 174 -0.93 -3.99 -4.00
C GLN A 174 -2.24 -4.35 -3.34
N MET A 175 -2.27 -5.45 -2.62
CA MET A 175 -3.53 -5.89 -2.06
C MET A 175 -3.83 -5.22 -0.70
N ILE A 176 -2.86 -4.48 -0.16
CA ILE A 176 -3.03 -3.83 1.18
C ILE A 176 -2.83 -2.30 0.91
N SER A 177 -1.61 -1.89 0.61
CA SER A 177 -1.38 -0.46 0.46
C SER A 177 -2.09 0.20 -0.71
N GLU A 178 -2.00 -0.40 -1.88
CA GLU A 178 -2.67 0.19 -2.98
C GLU A 178 -4.18 0.14 -2.89
N ALA A 179 -4.72 -0.93 -2.32
CA ALA A 179 -6.16 -0.99 -2.11
C ALA A 179 -6.61 0.06 -1.06
N ALA A 180 -5.80 0.30 -0.02
CA ALA A 180 -6.13 1.40 0.94
C ALA A 180 -6.09 2.78 0.19
N ARG A 181 -5.13 2.97 -0.72
CA ARG A 181 -4.95 4.28 -1.43
C ARG A 181 -6.13 4.52 -2.43
N PHE A 182 -6.71 3.46 -3.01
CA PHE A 182 -7.61 3.60 -4.14
C PHE A 182 -8.85 2.73 -3.94
N GLN A 183 -10.02 3.30 -3.78
CA GLN A 183 -11.21 2.38 -3.85
C GLN A 183 -11.24 1.62 -5.11
N TYR A 184 -10.78 2.15 -6.22
CA TYR A 184 -10.78 1.40 -7.41
C TYR A 184 -10.02 0.09 -7.32
N ILE A 185 -8.83 0.14 -6.70
CA ILE A 185 -8.01 -1.06 -6.57
C ILE A 185 -8.60 -1.99 -5.47
N GLU A 186 -9.19 -1.45 -4.41
CA GLU A 186 -9.88 -2.29 -3.49
C GLU A 186 -11.00 -3.03 -4.23
N GLY A 187 -11.69 -2.35 -5.16
CA GLY A 187 -12.82 -3.08 -5.82
C GLY A 187 -12.26 -4.14 -6.82
N GLU A 188 -11.11 -3.94 -7.46
CA GLU A 188 -10.46 -4.97 -8.26
C GLU A 188 -10.09 -6.19 -7.44
N MET A 189 -9.65 -5.98 -6.21
CA MET A 189 -9.34 -7.11 -5.33
C MET A 189 -10.64 -7.81 -4.92
N ARG A 190 -11.65 -7.02 -4.58
CA ARG A 190 -12.97 -7.60 -4.17
C ARG A 190 -13.36 -8.53 -5.27
N THR A 191 -13.34 -8.11 -6.55
CA THR A 191 -13.75 -8.97 -7.65
C THR A 191 -13.00 -10.33 -7.66
N ARG A 192 -11.70 -10.29 -7.52
CA ARG A 192 -10.90 -11.52 -7.54
C ARG A 192 -11.27 -12.39 -6.32
N ILE A 193 -11.54 -11.76 -5.16
CA ILE A 193 -11.83 -12.54 -3.96
C ILE A 193 -13.25 -13.19 -4.10
N ARG A 194 -14.19 -12.42 -4.58
CA ARG A 194 -15.61 -12.91 -4.75
C ARG A 194 -15.59 -14.16 -5.60
N TYR A 195 -14.89 -14.14 -6.73
CA TYR A 195 -14.96 -15.29 -7.64
C TYR A 195 -13.84 -16.29 -7.41
N ASN A 196 -12.96 -16.04 -6.43
CA ASN A 196 -11.76 -16.83 -6.18
C ASN A 196 -11.01 -17.11 -7.49
N ARG A 197 -10.77 -16.04 -8.27
CA ARG A 197 -10.06 -16.14 -9.52
C ARG A 197 -8.87 -15.14 -9.56
N ARG A 198 -7.69 -15.68 -9.44
CA ARG A 198 -6.53 -14.76 -9.53
C ARG A 198 -6.31 -14.21 -10.93
N SER A 199 -5.77 -12.98 -11.00
CA SER A 199 -5.41 -12.41 -12.27
C SER A 199 -4.48 -11.20 -12.04
N ALA A 200 -3.62 -10.98 -13.02
CA ALA A 200 -2.63 -9.88 -12.95
C ALA A 200 -3.40 -8.57 -13.13
N PRO A 201 -2.84 -7.48 -12.55
CA PRO A 201 -3.52 -6.16 -12.67
C PRO A 201 -3.52 -5.63 -14.17
N ASP A 202 -4.62 -5.06 -14.55
CA ASP A 202 -4.74 -4.47 -15.92
C ASP A 202 -4.14 -3.02 -15.92
N PRO A 203 -4.10 -2.36 -17.08
CA PRO A 203 -3.50 -1.03 -17.12
C PRO A 203 -4.23 -0.06 -16.27
N SER A 204 -5.52 -0.18 -16.02
CA SER A 204 -6.21 0.80 -15.12
C SER A 204 -5.59 0.80 -13.70
N VAL A 205 -5.27 -0.41 -13.22
CA VAL A 205 -4.67 -0.61 -11.94
C VAL A 205 -3.19 -0.09 -11.91
N ILE A 206 -2.42 -0.52 -12.98
CA ILE A 206 -1.02 -0.13 -13.00
C ILE A 206 -0.87 1.39 -13.11
N THR A 207 -1.68 2.03 -14.02
CA THR A 207 -1.49 3.48 -14.20
C THR A 207 -1.92 4.28 -12.95
N LEU A 208 -2.88 3.82 -12.22
CA LEU A 208 -3.30 4.48 -10.97
C LEU A 208 -2.14 4.32 -9.96
N GLU A 209 -1.55 3.11 -9.76
CA GLU A 209 -0.42 2.90 -8.85
C GLU A 209 0.73 3.87 -9.20
N ASN A 210 1.00 3.94 -10.52
CA ASN A 210 2.18 4.78 -10.89
C ASN A 210 1.92 6.23 -10.75
N SER A 211 0.63 6.64 -10.72
CA SER A 211 0.30 8.06 -10.75
C SER A 211 -0.10 8.58 -9.37
N TRP A 212 -0.01 7.78 -8.32
CA TRP A 212 -0.57 8.20 -6.99
C TRP A 212 0.03 9.50 -6.51
N GLY A 213 1.34 9.60 -6.53
CA GLY A 213 1.99 10.88 -6.12
C GLY A 213 1.59 12.05 -7.00
N ARG A 214 1.57 11.87 -8.31
CA ARG A 214 1.19 12.95 -9.23
C ARG A 214 -0.24 13.38 -9.06
N LEU A 215 -1.14 12.43 -8.92
CA LEU A 215 -2.52 12.78 -8.67
C LEU A 215 -2.71 13.51 -7.32
N SER A 216 -2.00 13.05 -6.32
CA SER A 216 -2.07 13.69 -4.97
C SER A 216 -1.60 15.17 -5.09
N THR A 217 -0.52 15.40 -5.85
CA THR A 217 0.00 16.77 -5.96
C THR A 217 -0.99 17.56 -6.84
N ALA A 218 -1.43 17.02 -7.99
CA ALA A 218 -2.37 17.76 -8.88
C ALA A 218 -3.66 18.23 -8.14
N ILE A 219 -4.20 17.32 -7.30
CA ILE A 219 -5.42 17.66 -6.52
C ILE A 219 -5.12 18.74 -5.49
N GLN A 220 -4.01 18.61 -4.78
CA GLN A 220 -3.68 19.57 -3.72
C GLN A 220 -3.23 20.96 -4.23
N GLU A 221 -2.64 20.99 -5.44
CA GLU A 221 -2.31 22.27 -6.12
C GLU A 221 -3.35 22.79 -7.03
N SER A 222 -4.49 22.08 -7.17
CA SER A 222 -5.54 22.54 -8.10
C SER A 222 -6.16 23.86 -7.74
N ASN A 223 -6.74 24.47 -8.78
CA ASN A 223 -7.54 25.71 -8.59
C ASN A 223 -9.01 25.26 -8.42
N GLN A 224 -9.44 25.22 -7.12
CA GLN A 224 -10.86 24.79 -6.88
C GLN A 224 -11.17 23.46 -7.46
N GLY A 225 -10.17 22.54 -7.56
CA GLY A 225 -10.35 21.20 -8.09
C GLY A 225 -9.92 21.01 -9.52
N ALA A 226 -9.65 22.14 -10.24
CA ALA A 226 -9.26 22.08 -11.67
C ALA A 226 -7.76 21.94 -11.78
N PHE A 227 -7.30 20.91 -12.50
CA PHE A 227 -5.84 20.71 -12.68
C PHE A 227 -5.26 21.77 -13.67
N ALA A 228 -4.06 22.27 -13.40
CA ALA A 228 -3.49 23.13 -14.39
C ALA A 228 -3.03 22.37 -15.60
N SER A 229 -2.64 21.10 -15.39
CA SER A 229 -2.15 20.21 -16.44
C SER A 229 -2.90 18.94 -16.28
N PRO A 230 -3.52 18.44 -17.27
CA PRO A 230 -4.22 17.09 -17.16
C PRO A 230 -3.25 15.97 -16.97
N ILE A 231 -3.74 14.90 -16.37
CA ILE A 231 -2.95 13.66 -16.16
C ILE A 231 -3.57 12.57 -16.95
N GLN A 232 -2.70 11.79 -17.66
CA GLN A 232 -3.23 10.73 -18.45
C GLN A 232 -3.13 9.39 -17.75
N LEU A 233 -4.28 8.75 -17.65
CA LEU A 233 -4.37 7.35 -17.09
C LEU A 233 -4.73 6.41 -18.20
N GLN A 234 -4.84 5.11 -17.92
CA GLN A 234 -5.31 4.12 -18.89
C GLN A 234 -6.55 3.48 -18.37
N ARG A 235 -7.47 3.22 -19.27
CA ARG A 235 -8.59 2.33 -19.00
C ARG A 235 -8.10 0.88 -19.02
N ARG A 236 -9.04 -0.02 -18.69
CA ARG A 236 -8.76 -1.48 -18.72
C ARG A 236 -8.19 -2.00 -20.00
N ASN A 237 -8.77 -1.54 -21.14
CA ASN A 237 -8.26 -1.97 -22.42
C ASN A 237 -6.98 -1.27 -22.86
N GLY A 238 -6.38 -0.43 -21.99
CA GLY A 238 -5.12 0.27 -22.34
C GLY A 238 -5.35 1.65 -23.02
N SER A 239 -6.59 2.02 -23.35
CA SER A 239 -6.84 3.31 -24.03
C SER A 239 -6.68 4.44 -23.03
N LYS A 240 -6.31 5.61 -23.53
CA LYS A 240 -6.10 6.79 -22.70
C LYS A 240 -7.37 7.37 -22.04
N PHE A 241 -7.18 7.81 -20.80
CA PHE A 241 -8.27 8.44 -19.99
C PHE A 241 -7.67 9.72 -19.44
N SER A 242 -8.19 10.88 -19.84
CA SER A 242 -7.62 12.14 -19.37
C SER A 242 -8.36 12.63 -18.14
N VAL A 243 -7.60 12.99 -17.12
CA VAL A 243 -8.07 13.52 -15.79
C VAL A 243 -7.84 14.99 -15.79
N TYR A 244 -8.91 15.82 -15.68
CA TYR A 244 -8.73 17.28 -15.68
C TYR A 244 -9.10 17.85 -14.34
N ASP A 245 -9.73 17.06 -13.43
CA ASP A 245 -10.38 17.65 -12.24
C ASP A 245 -10.42 16.60 -11.15
N VAL A 246 -10.42 17.04 -9.92
CA VAL A 246 -10.58 16.12 -8.82
C VAL A 246 -11.95 15.36 -8.86
N SER A 247 -12.95 15.94 -9.48
CA SER A 247 -14.28 15.36 -9.41
C SER A 247 -14.37 13.93 -9.78
N ILE A 248 -13.71 13.58 -10.91
CA ILE A 248 -13.79 12.24 -11.49
C ILE A 248 -13.01 11.26 -10.62
N LEU A 249 -12.16 11.78 -9.71
CA LEU A 249 -11.31 10.85 -8.89
C LEU A 249 -11.98 10.57 -7.51
N ILE A 250 -13.08 11.23 -7.16
CA ILE A 250 -13.65 11.06 -5.77
C ILE A 250 -14.07 9.56 -5.61
N PRO A 251 -14.65 8.88 -6.62
CA PRO A 251 -14.93 7.42 -6.49
C PRO A 251 -13.71 6.50 -6.60
N ILE A 252 -12.51 7.06 -6.87
CA ILE A 252 -11.40 6.26 -7.32
C ILE A 252 -10.27 6.28 -6.30
N ILE A 253 -9.92 7.47 -5.78
CA ILE A 253 -8.81 7.64 -4.83
C ILE A 253 -9.37 7.85 -3.45
N ALA A 254 -8.89 7.03 -2.55
CA ALA A 254 -9.28 7.12 -1.14
C ALA A 254 -8.50 7.91 -0.23
N LEU A 255 -7.20 8.00 -0.44
CA LEU A 255 -6.26 8.64 0.41
C LEU A 255 -5.21 9.30 -0.48
N MET A 256 -4.68 10.47 -0.14
CA MET A 256 -3.51 11.07 -0.79
C MET A 256 -2.32 11.21 0.09
N VAL A 257 -1.13 11.26 -0.44
CA VAL A 257 0.08 11.62 0.31
C VAL A 257 0.08 13.18 0.47
N TYR A 258 0.51 13.64 1.65
CA TYR A 258 0.61 15.11 1.89
C TYR A 258 1.69 15.71 0.95
N ARG A 259 1.29 16.67 0.13
CA ARG A 259 2.20 17.30 -0.87
C ARG A 259 2.31 18.76 -0.67
N CYS A 260 1.24 19.45 -0.29
CA CYS A 260 1.36 20.93 0.06
C CYS A 260 0.41 21.27 1.14
N ALA A 261 0.58 22.46 1.73
CA ALA A 261 -0.47 22.98 2.62
C ALA A 261 -1.78 23.32 1.83
N PRO A 262 -2.96 23.12 2.45
CA PRO A 262 -4.25 23.53 1.83
C PRO A 262 -4.26 25.07 1.88
N PRO A 263 -4.44 25.69 0.74
CA PRO A 263 -4.44 27.15 0.73
C PRO A 263 -5.62 27.66 1.59
N PRO A 264 -5.45 28.89 2.13
CA PRO A 264 -6.61 29.62 2.68
C PRO A 264 -7.54 29.78 1.49
N SER A 265 -8.59 28.96 1.42
CA SER A 265 -9.60 29.09 0.35
C SER A 265 -10.24 30.47 0.38
N SER A 266 -9.89 31.30 -0.59
CA SER A 266 -10.70 32.47 -0.91
C SER A 266 -12.18 32.02 -1.05
N GLN A 267 -13.01 32.45 -0.11
CA GLN A 267 -14.43 32.08 -0.20
C GLN A 267 -15.26 33.26 -0.73
N PHE A 268 -16.12 32.98 -1.70
CA PHE A 268 -16.83 34.04 -2.41
C PHE A 268 -17.41 35.09 -1.46
N1 5MX B . 6.75 -0.21 -2.02
C2 5MX B . 6.48 -0.52 -0.76
N2 5MX B . 7.32 -1.31 -0.03
N3 5MX B . 5.22 -0.19 -0.22
C4 5MX B . 4.40 0.61 -0.97
O4 5MX B . 3.27 0.82 -0.45
N5 5MX B . 3.91 1.72 -3.08
C6 5MX B . 4.32 2.10 -4.33
C7 5MX B . 5.64 1.79 -4.71
N8 5MX B . 6.39 0.96 -3.97
C4A 5MX B . 4.70 0.93 -2.28
C8A 5MX B . 5.98 0.59 -2.73
CAM 5MX B . 6.08 2.24 -5.99
OAN 5MX B . 7.21 2.00 -6.41
NAO 5MX B . 5.37 3.26 -6.56
CAP 5MX B . 5.74 3.79 -7.86
CAQ 5MX B . 6.44 5.17 -7.69
NAR 5MX B . 7.42 5.26 -6.59
CAS 5MX B . 8.71 5.58 -6.81
OAT 5MX B . 9.50 5.60 -5.82
OAU 5MX B . 9.12 5.88 -7.97
#